data_3VEO
#
_entry.id   3VEO
#
_cell.length_a   98.200
_cell.length_b   98.200
_cell.length_c   279.200
_cell.angle_alpha   90.000
_cell.angle_beta   90.000
_cell.angle_gamma   120.000
#
_symmetry.space_group_name_H-M   'P 61 2 2'
#
loop_
_entity.id
_entity.type
_entity.pdbx_description
1 polymer 'O-carbamoyltransferase TobZ'
2 non-polymer 'PHOSPHORIC ACID MONO(FORMAMIDE)ESTER'
3 non-polymer 'FE (II) ION'
4 non-polymer 'POTASSIUM ION'
5 non-polymer 1,2-ETHANEDIOL
6 water water
#
_entity_poly.entity_id   1
_entity_poly.type   'polypeptide(L)'
_entity_poly.pdbx_seq_one_letter_code
;HHHHHHMRVLGLNGWPRDFHDASAALLVDGRIAAFAEEERLTRKKHGYNTAPVQAAAFCLAQAGLTVDDLDAVAFGWDLP
AMYRERLGGWPHSDSEALDILLPRDVFPRRTDPPLHFVQHHLAHAASAYYFSGEDRGAVLIVDGQGEEECVTLAHAEGGK
ITVLDTVPGAWSLGFFYEHVSEYTGLGGDNPGKLMGLAAHGTTVDETLSAFAFDSDGYRLNLIDPQARDPEDWDEYSVTE
RAWFAHLERIYRLPPNEFVRRYDPAKGRVVRDTRRDPYEYRDLAATAQAALERAVFGLADSVLARTGERTLFVAGGVGLN
ATMNGKLLTRSTVDKMFVPPVASDIGVSLGAAAAVAVELGDRIAPMGDTAAWGPEFSPDQVRAALDRTGLAYREPANLER
EVAALIASGKVVGWAQGRGEVGPRALGQRSLLGSAHSPTMRDHINLRVKDREWWRPFAPSMLRSVSDQVLEVDADFPYMI
MTTKVRAAYAERLPSVVHEDWSTRPQTVTEASNPRYHRMLTELGDLVGDPVCLNTSFNDRGEPIVSSPADALLTFSRLPI
DALAVGPYLVTKDLRH
;
_entity_poly.pdbx_strand_id   A
#
# COMPACT_ATOMS: atom_id res chain seq x y z
N HIS A 6 -26.77 -15.47 -1.29
CA HIS A 6 -25.59 -14.66 -1.60
C HIS A 6 -25.76 -13.21 -1.22
N MET A 7 -24.90 -12.70 -0.33
CA MET A 7 -24.79 -11.26 -0.18
C MET A 7 -23.66 -10.72 -1.07
N ARG A 8 -24.00 -9.76 -1.92
CA ARG A 8 -23.04 -9.17 -2.83
C ARG A 8 -22.93 -7.69 -2.55
N VAL A 9 -21.77 -7.28 -2.05
CA VAL A 9 -21.61 -5.90 -1.63
C VAL A 9 -20.40 -5.31 -2.33
N LEU A 10 -20.66 -4.23 -3.07
CA LEU A 10 -19.60 -3.54 -3.78
C LEU A 10 -19.18 -2.32 -2.95
N GLY A 11 -17.93 -2.32 -2.50
CA GLY A 11 -17.42 -1.23 -1.69
C GLY A 11 -16.62 -0.31 -2.58
N LEU A 12 -16.70 0.99 -2.30
CA LEU A 12 -16.08 2.01 -3.14
C LEU A 12 -15.30 3.01 -2.30
N ASN A 13 -14.22 3.53 -2.89
CA ASN A 13 -13.58 4.74 -2.42
C ASN A 13 -13.25 5.57 -3.64
N GLY A 14 -13.25 6.89 -3.48
CA GLY A 14 -12.96 7.79 -4.59
C GLY A 14 -14.18 8.60 -4.99
N TRP A 15 -13.95 9.88 -5.21
CA TRP A 15 -15.03 10.83 -5.49
C TRP A 15 -14.39 11.91 -6.37
N PRO A 16 -15.17 12.54 -7.25
CA PRO A 16 -14.52 13.46 -8.19
C PRO A 16 -13.93 14.73 -7.55
N ARG A 17 -14.26 15.00 -6.29
CA ARG A 17 -13.76 16.22 -5.66
C ARG A 17 -12.74 16.00 -4.54
N ASP A 18 -11.52 16.48 -4.77
CA ASP A 18 -10.46 16.44 -3.76
CA ASP A 18 -10.44 16.43 -3.77
C ASP A 18 -10.38 15.11 -3.03
N PHE A 19 -10.16 14.03 -3.78
CA PHE A 19 -10.07 12.69 -3.22
C PHE A 19 -8.86 12.01 -3.80
N HIS A 20 -8.40 10.97 -3.12
CA HIS A 20 -7.29 10.18 -3.61
C HIS A 20 -7.59 8.70 -3.30
N ASP A 21 -6.84 7.80 -3.92
CA ASP A 21 -6.87 6.38 -3.61
C ASP A 21 -8.19 5.70 -3.95
N ALA A 22 -8.77 6.12 -5.06
CA ALA A 22 -9.98 5.51 -5.57
C ALA A 22 -9.74 4.00 -5.71
N SER A 23 -10.71 3.20 -5.31
CA SER A 23 -10.60 1.76 -5.44
C SER A 23 -11.98 1.17 -5.31
N ALA A 24 -12.12 -0.10 -5.69
CA ALA A 24 -13.39 -0.77 -5.56
C ALA A 24 -13.16 -2.21 -5.14
N ALA A 25 -14.03 -2.74 -4.30
CA ALA A 25 -13.90 -4.10 -3.81
C ALA A 25 -15.26 -4.77 -3.81
N LEU A 26 -15.30 -6.00 -4.29
CA LEU A 26 -16.57 -6.72 -4.36
C LEU A 26 -16.53 -7.93 -3.43
N LEU A 27 -17.43 -7.96 -2.46
CA LEU A 27 -17.55 -9.11 -1.58
C LEU A 27 -18.73 -9.95 -2.04
N VAL A 28 -18.50 -11.24 -2.18
CA VAL A 28 -19.57 -12.19 -2.45
C VAL A 28 -19.54 -13.24 -1.35
N ASP A 29 -20.61 -13.28 -0.56
CA ASP A 29 -20.70 -14.22 0.56
CA ASP A 29 -20.68 -14.24 0.54
C ASP A 29 -19.51 -14.09 1.50
N GLY A 30 -19.09 -12.86 1.76
CA GLY A 30 -18.02 -12.60 2.70
C GLY A 30 -16.64 -12.84 2.11
N ARG A 31 -16.60 -13.23 0.84
CA ARG A 31 -15.33 -13.49 0.18
C ARG A 31 -15.03 -12.39 -0.82
N ILE A 32 -13.75 -12.11 -1.01
CA ILE A 32 -13.36 -11.08 -1.94
C ILE A 32 -13.37 -11.66 -3.34
N ALA A 33 -14.36 -11.26 -4.15
CA ALA A 33 -14.46 -11.75 -5.50
C ALA A 33 -13.55 -10.95 -6.42
N ALA A 34 -13.34 -9.68 -6.07
CA ALA A 34 -12.52 -8.78 -6.89
C ALA A 34 -12.20 -7.53 -6.11
N PHE A 35 -11.06 -6.93 -6.42
CA PHE A 35 -10.60 -5.73 -5.73
C PHE A 35 -9.56 -5.13 -6.65
N ALA A 36 -9.70 -3.85 -6.97
CA ALA A 36 -8.64 -3.16 -7.73
C ALA A 36 -8.54 -1.69 -7.35
N GLU A 37 -7.34 -1.14 -7.50
CA GLU A 37 -7.12 0.29 -7.36
C GLU A 37 -7.29 0.96 -8.70
N GLU A 38 -7.98 2.08 -8.70
CA GLU A 38 -8.24 2.81 -9.94
C GLU A 38 -6.96 3.10 -10.70
N GLU A 39 -5.91 3.52 -9.99
CA GLU A 39 -4.66 3.91 -10.63
C GLU A 39 -4.06 2.82 -11.52
N ARG A 40 -4.23 1.55 -11.13
CA ARG A 40 -3.62 0.46 -11.89
C ARG A 40 -4.28 0.33 -13.25
N LEU A 41 -5.55 0.67 -13.31
CA LEU A 41 -6.32 0.59 -14.53
C LEU A 41 -6.21 1.87 -15.37
N THR A 42 -6.27 3.02 -14.73
CA THR A 42 -6.15 4.28 -15.44
C THR A 42 -4.70 4.61 -15.81
N ARG A 43 -3.75 4.01 -15.09
CA ARG A 43 -2.33 4.32 -15.25
C ARG A 43 -2.03 5.68 -14.62
N LYS A 44 -2.98 6.25 -13.88
CA LYS A 44 -2.73 7.53 -13.22
C LYS A 44 -2.56 7.35 -11.72
N LYS A 45 -1.33 7.54 -11.25
CA LYS A 45 -0.95 7.25 -9.87
C LYS A 45 -1.85 7.93 -8.85
N HIS A 46 -2.22 7.17 -7.82
CA HIS A 46 -2.94 7.68 -6.66
C HIS A 46 -4.46 7.79 -6.84
N GLY A 47 -4.95 7.54 -8.04
CA GLY A 47 -6.38 7.52 -8.27
C GLY A 47 -7.05 8.78 -7.71
N TYR A 48 -6.53 9.93 -8.11
CA TYR A 48 -7.03 11.23 -7.64
C TYR A 48 -8.33 11.66 -8.29
N ASN A 49 -9.17 12.31 -7.49
CA ASN A 49 -10.30 13.08 -7.99
C ASN A 49 -11.19 12.31 -8.95
N THR A 50 -11.55 11.10 -8.57
CA THR A 50 -12.37 10.29 -9.45
C THR A 50 -13.10 9.23 -8.67
N ALA A 51 -14.34 8.98 -9.06
CA ALA A 51 -15.01 7.77 -8.63
C ALA A 51 -14.19 6.63 -9.20
N PRO A 52 -14.19 5.47 -8.53
CA PRO A 52 -13.46 4.28 -8.98
C PRO A 52 -14.18 3.59 -10.14
N VAL A 53 -14.39 4.34 -11.22
CA VAL A 53 -15.15 3.86 -12.37
C VAL A 53 -14.55 2.59 -12.97
N GLN A 54 -13.25 2.59 -13.24
CA GLN A 54 -12.64 1.44 -13.88
C GLN A 54 -12.51 0.24 -12.93
N ALA A 55 -12.20 0.51 -11.66
CA ALA A 55 -12.07 -0.53 -10.66
C ALA A 55 -13.39 -1.21 -10.41
N ALA A 56 -14.45 -0.42 -10.31
CA ALA A 56 -15.77 -1.01 -10.08
C ALA A 56 -16.25 -1.79 -11.29
N ALA A 57 -15.95 -1.27 -12.48
CA ALA A 57 -16.33 -1.96 -13.71
C ALA A 57 -15.59 -3.29 -13.80
N PHE A 58 -14.31 -3.28 -13.44
CA PHE A 58 -13.59 -4.54 -13.36
C PHE A 58 -14.22 -5.49 -12.35
N CYS A 59 -14.52 -5.01 -11.16
CA CYS A 59 -15.06 -5.90 -10.14
C CYS A 59 -16.31 -6.64 -10.66
N LEU A 60 -17.19 -5.89 -11.31
CA LEU A 60 -18.45 -6.45 -11.80
C LEU A 60 -18.18 -7.44 -12.93
N ALA A 61 -17.33 -7.04 -13.88
CA ALA A 61 -16.95 -7.95 -14.96
C ALA A 61 -16.35 -9.23 -14.41
N GLN A 62 -15.46 -9.09 -13.43
CA GLN A 62 -14.79 -10.26 -12.86
C GLN A 62 -15.81 -11.23 -12.28
N ALA A 63 -16.85 -10.71 -11.65
CA ALA A 63 -17.80 -11.55 -10.91
C ALA A 63 -18.99 -11.93 -11.77
N GLY A 64 -19.01 -11.44 -13.00
CA GLY A 64 -20.13 -11.67 -13.90
C GLY A 64 -21.41 -11.07 -13.35
N LEU A 65 -21.32 -9.86 -12.82
CA LEU A 65 -22.47 -9.20 -12.20
C LEU A 65 -22.73 -7.83 -12.82
N THR A 66 -23.94 -7.33 -12.62
CA THR A 66 -24.26 -5.93 -12.93
C THR A 66 -24.66 -5.28 -11.61
N VAL A 67 -24.87 -3.97 -11.61
CA VAL A 67 -25.31 -3.30 -10.39
C VAL A 67 -26.62 -3.90 -9.85
N ASP A 68 -27.48 -4.38 -10.75
CA ASP A 68 -28.76 -4.98 -10.31
C ASP A 68 -28.56 -6.25 -9.48
N ASP A 69 -27.36 -6.81 -9.51
CA ASP A 69 -27.08 -8.02 -8.75
C ASP A 69 -26.51 -7.72 -7.38
N LEU A 70 -26.32 -6.44 -7.09
CA LEU A 70 -25.68 -6.04 -5.85
C LEU A 70 -26.72 -5.88 -4.76
N ASP A 71 -26.43 -6.40 -3.57
CA ASP A 71 -27.30 -6.14 -2.43
C ASP A 71 -27.09 -4.75 -1.88
N ALA A 72 -25.88 -4.22 -2.04
CA ALA A 72 -25.56 -2.92 -1.48
C ALA A 72 -24.34 -2.32 -2.13
N VAL A 73 -24.32 -0.99 -2.20
CA VAL A 73 -23.13 -0.25 -2.58
C VAL A 73 -22.68 0.45 -1.31
N ALA A 74 -21.40 0.33 -0.98
CA ALA A 74 -20.89 0.94 0.25
C ALA A 74 -19.72 1.86 -0.06
N PHE A 75 -19.73 3.05 0.54
CA PHE A 75 -18.66 4.02 0.33
C PHE A 75 -17.90 4.26 1.64
N GLY A 76 -16.56 4.21 1.58
CA GLY A 76 -15.75 4.21 2.78
C GLY A 76 -15.46 5.56 3.44
N TRP A 77 -16.38 6.50 3.29
CA TRP A 77 -16.36 7.73 4.05
C TRP A 77 -17.80 8.13 4.34
N ASP A 78 -18.02 8.85 5.44
CA ASP A 78 -19.33 9.46 5.65
C ASP A 78 -19.36 10.77 4.88
N LEU A 79 -19.55 10.65 3.57
CA LEU A 79 -19.47 11.79 2.68
C LEU A 79 -20.58 12.83 2.92
N PRO A 80 -21.81 12.39 3.22
CA PRO A 80 -22.84 13.39 3.53
C PRO A 80 -22.41 14.23 4.72
N ALA A 81 -21.87 13.59 5.75
CA ALA A 81 -21.43 14.32 6.94
C ALA A 81 -20.34 15.32 6.57
N MET A 82 -19.43 14.92 5.70
CA MET A 82 -18.34 15.81 5.29
C MET A 82 -18.90 17.01 4.54
N TYR A 83 -19.89 16.78 3.68
CA TYR A 83 -20.51 17.88 2.95
C TYR A 83 -21.28 18.83 3.89
N ARG A 84 -22.01 18.25 4.83
CA ARG A 84 -22.81 19.07 5.74
C ARG A 84 -21.93 19.90 6.66
N GLU A 85 -20.83 19.29 7.10
CA GLU A 85 -19.96 19.95 8.05
C GLU A 85 -19.05 20.98 7.38
N ARG A 86 -18.51 20.64 6.22
CA ARG A 86 -17.47 21.48 5.65
C ARG A 86 -17.92 22.28 4.45
N LEU A 87 -18.98 21.85 3.79
CA LEU A 87 -19.38 22.47 2.52
C LEU A 87 -20.76 23.09 2.55
N GLY A 88 -21.36 23.15 3.74
CA GLY A 88 -22.66 23.76 3.90
C GLY A 88 -23.84 22.90 3.45
N GLY A 89 -23.61 21.62 3.22
CA GLY A 89 -24.73 20.74 2.93
C GLY A 89 -24.51 19.67 1.89
N TRP A 90 -25.20 18.54 2.08
CA TRP A 90 -25.12 17.39 1.18
C TRP A 90 -26.27 17.50 0.22
N PRO A 91 -25.97 17.80 -1.06
CA PRO A 91 -27.01 18.12 -2.04
C PRO A 91 -27.52 16.91 -2.85
N HIS A 92 -26.95 15.72 -2.64
CA HIS A 92 -27.30 14.59 -3.49
C HIS A 92 -28.29 13.64 -2.85
N SER A 93 -29.30 13.23 -3.61
CA SER A 93 -30.10 12.08 -3.23
C SER A 93 -29.21 10.86 -3.41
N ASP A 94 -29.62 9.73 -2.84
CA ASP A 94 -28.85 8.50 -3.03
C ASP A 94 -28.68 8.17 -4.50
N SER A 95 -29.73 8.43 -5.28
CA SER A 95 -29.69 8.16 -6.70
C SER A 95 -28.69 9.05 -7.42
N GLU A 96 -28.64 10.33 -7.04
CA GLU A 96 -27.68 11.26 -7.63
C GLU A 96 -26.26 10.90 -7.21
N ALA A 97 -26.09 10.44 -5.98
CA ALA A 97 -24.78 10.03 -5.51
C ALA A 97 -24.33 8.80 -6.29
N LEU A 98 -25.25 7.85 -6.47
CA LEU A 98 -24.97 6.66 -7.25
C LEU A 98 -24.59 7.00 -8.69
N ASP A 99 -25.30 7.95 -9.29
CA ASP A 99 -24.99 8.38 -10.66
C ASP A 99 -23.55 8.90 -10.78
N ILE A 100 -23.03 9.44 -9.67
CA ILE A 100 -21.67 9.97 -9.65
C ILE A 100 -20.65 8.87 -9.33
N LEU A 101 -21.01 7.99 -8.42
CA LEU A 101 -20.13 6.89 -8.02
C LEU A 101 -20.03 5.83 -9.11
N LEU A 102 -21.16 5.59 -9.76
CA LEU A 102 -21.28 4.51 -10.73
C LEU A 102 -22.03 5.05 -11.93
N PRO A 103 -21.36 5.86 -12.76
CA PRO A 103 -22.02 6.53 -13.88
C PRO A 103 -22.77 5.54 -14.75
N ARG A 104 -23.98 5.92 -15.12
CA ARG A 104 -24.87 5.03 -15.84
C ARG A 104 -24.34 4.64 -17.22
N ASP A 105 -23.49 5.45 -17.82
CA ASP A 105 -22.94 5.03 -19.11
C ASP A 105 -22.05 3.79 -18.93
N VAL A 106 -21.48 3.62 -17.74
CA VAL A 106 -20.61 2.46 -17.50
C VAL A 106 -21.37 1.40 -16.71
N PHE A 107 -22.32 1.84 -15.89
CA PHE A 107 -23.02 0.97 -14.96
C PHE A 107 -24.52 1.04 -15.16
N PRO A 108 -25.02 0.39 -16.20
CA PRO A 108 -26.47 0.44 -16.44
C PRO A 108 -27.21 -0.26 -15.30
N ARG A 109 -28.39 0.24 -14.92
CA ARG A 109 -29.15 -0.31 -13.79
CA ARG A 109 -29.17 -0.40 -13.88
C ARG A 109 -30.65 -0.07 -13.95
N ARG A 110 -31.47 -1.05 -13.59
CA ARG A 110 -32.93 -0.93 -13.58
CA ARG A 110 -32.89 -0.83 -13.63
C ARG A 110 -33.38 -0.10 -12.38
N THR A 111 -32.71 -0.32 -11.25
CA THR A 111 -33.07 0.36 -10.02
C THR A 111 -31.82 0.70 -9.21
N ASP A 112 -31.99 1.46 -8.12
CA ASP A 112 -30.87 1.77 -7.23
C ASP A 112 -30.64 0.68 -6.19
N PRO A 113 -29.41 0.17 -6.13
CA PRO A 113 -29.03 -0.64 -4.97
C PRO A 113 -29.03 0.25 -3.72
N PRO A 114 -29.26 -0.35 -2.54
CA PRO A 114 -29.10 0.42 -1.30
C PRO A 114 -27.70 1.04 -1.23
N LEU A 115 -27.61 2.31 -0.86
CA LEU A 115 -26.34 3.00 -0.75
C LEU A 115 -26.00 3.27 0.71
N HIS A 116 -24.83 2.81 1.15
CA HIS A 116 -24.37 3.01 2.52
C HIS A 116 -23.11 3.86 2.54
N PHE A 117 -23.07 4.88 3.40
CA PHE A 117 -21.84 5.58 3.66
C PHE A 117 -21.30 5.06 4.97
N VAL A 118 -20.07 4.56 4.94
CA VAL A 118 -19.45 4.01 6.13
C VAL A 118 -18.42 5.01 6.63
N GLN A 119 -18.56 5.40 7.89
CA GLN A 119 -17.60 6.29 8.53
C GLN A 119 -16.17 5.82 8.26
N HIS A 120 -15.32 6.75 7.86
CA HIS A 120 -14.03 6.43 7.29
C HIS A 120 -13.14 5.51 8.13
N HIS A 121 -13.00 5.83 9.42
CA HIS A 121 -12.18 5.01 10.28
C HIS A 121 -12.82 3.66 10.61
N LEU A 122 -14.14 3.58 10.55
CA LEU A 122 -14.78 2.28 10.72
C LEU A 122 -14.43 1.41 9.51
N ALA A 123 -14.39 2.03 8.34
CA ALA A 123 -14.03 1.32 7.12
C ALA A 123 -12.58 0.84 7.21
N HIS A 124 -11.68 1.71 7.64
CA HIS A 124 -10.30 1.32 7.88
C HIS A 124 -10.24 0.13 8.83
N ALA A 125 -10.92 0.26 9.97
CA ALA A 125 -10.94 -0.77 11.01
C ALA A 125 -11.49 -2.09 10.49
N ALA A 126 -12.58 -2.00 9.73
CA ALA A 126 -13.20 -3.21 9.17
C ALA A 126 -12.24 -3.91 8.21
N SER A 127 -11.45 -3.12 7.48
CA SER A 127 -10.49 -3.67 6.51
C SER A 127 -9.40 -4.47 7.20
N ALA A 128 -9.17 -4.20 8.48
CA ALA A 128 -8.18 -4.96 9.23
C ALA A 128 -8.85 -6.11 9.98
N TYR A 129 -9.80 -5.77 10.84
CA TYR A 129 -10.44 -6.74 11.72
C TYR A 129 -11.05 -7.92 10.99
N TYR A 130 -12.00 -7.64 10.10
CA TYR A 130 -12.81 -8.70 9.51
C TYR A 130 -12.01 -9.65 8.65
N PHE A 131 -10.83 -9.22 8.23
CA PHE A 131 -10.04 -10.00 7.30
C PHE A 131 -8.83 -10.63 7.94
N SER A 132 -8.66 -10.40 9.25
CA SER A 132 -7.47 -10.82 9.98
C SER A 132 -7.46 -12.30 10.32
N GLY A 133 -8.66 -12.90 10.39
CA GLY A 133 -8.75 -14.28 10.83
C GLY A 133 -8.66 -14.39 12.34
N GLU A 134 -8.69 -13.25 13.04
CA GLU A 134 -8.72 -13.23 14.49
C GLU A 134 -10.07 -12.74 14.93
N ASP A 135 -10.64 -13.36 15.95
CA ASP A 135 -12.01 -13.01 16.34
C ASP A 135 -12.07 -11.77 17.23
N ARG A 136 -10.93 -11.35 17.76
CA ARG A 136 -10.92 -10.16 18.61
C ARG A 136 -9.55 -9.51 18.67
N GLY A 137 -9.54 -8.22 19.00
CA GLY A 137 -8.30 -7.49 19.08
C GLY A 137 -8.49 -6.03 19.31
N ALA A 138 -7.38 -5.35 19.61
CA ALA A 138 -7.38 -3.92 19.76
C ALA A 138 -7.25 -3.31 18.37
N VAL A 139 -8.03 -2.27 18.08
CA VAL A 139 -7.93 -1.58 16.79
C VAL A 139 -7.23 -0.24 16.95
N LEU A 140 -6.19 -0.01 16.14
CA LEU A 140 -5.50 1.26 16.08
C LEU A 140 -5.54 1.80 14.65
N ILE A 141 -6.30 2.86 14.44
CA ILE A 141 -6.35 3.51 13.14
C ILE A 141 -5.51 4.76 13.18
N VAL A 142 -4.41 4.77 12.42
CA VAL A 142 -3.54 5.94 12.37
C VAL A 142 -3.48 6.43 10.94
N ASP A 143 -4.04 7.61 10.71
CA ASP A 143 -4.43 8.01 9.36
C ASP A 143 -3.88 9.37 9.03
N GLY A 144 -4.09 9.83 7.80
CA GLY A 144 -3.99 11.25 7.51
C GLY A 144 -5.16 11.86 8.29
N GLN A 145 -6.36 11.76 7.73
CA GLN A 145 -7.57 12.19 8.41
C GLN A 145 -8.77 11.43 7.87
N GLY A 146 -9.71 11.08 8.74
CA GLY A 146 -11.02 10.63 8.34
C GLY A 146 -11.87 11.89 8.16
N GLU A 147 -13.15 11.84 8.51
CA GLU A 147 -13.98 13.03 8.37
C GLU A 147 -13.51 14.14 9.33
N GLU A 148 -13.05 13.74 10.52
CA GLU A 148 -12.67 14.71 11.55
C GLU A 148 -11.46 14.28 12.36
N GLU A 149 -11.25 12.99 12.49
CA GLU A 149 -10.20 12.48 13.37
C GLU A 149 -9.04 11.92 12.58
N CYS A 150 -7.85 11.95 13.17
CA CYS A 150 -6.65 11.39 12.55
C CYS A 150 -6.29 10.04 13.17
N VAL A 151 -6.82 9.79 14.35
CA VAL A 151 -6.58 8.55 15.06
C VAL A 151 -7.89 8.01 15.62
N THR A 152 -8.05 6.70 15.53
CA THR A 152 -9.17 6.07 16.21
C THR A 152 -8.65 4.87 16.98
N LEU A 153 -9.03 4.77 18.25
CA LEU A 153 -8.77 3.60 19.05
C LEU A 153 -10.07 2.85 19.26
N ALA A 154 -10.09 1.56 19.00
CA ALA A 154 -11.34 0.84 19.11
C ALA A 154 -11.11 -0.56 19.62
N HIS A 155 -12.22 -1.21 20.01
CA HIS A 155 -12.17 -2.60 20.43
C HIS A 155 -12.92 -3.45 19.41
N ALA A 156 -12.25 -4.47 18.90
CA ALA A 156 -12.89 -5.38 17.96
C ALA A 156 -13.17 -6.69 18.67
N GLU A 157 -14.44 -7.09 18.69
CA GLU A 157 -14.81 -8.34 19.34
C GLU A 157 -16.23 -8.73 19.01
N GLY A 158 -16.47 -10.03 18.93
CA GLY A 158 -17.78 -10.55 18.59
C GLY A 158 -18.30 -9.95 17.30
N GLY A 159 -17.41 -9.68 16.35
CA GLY A 159 -17.83 -9.14 15.07
C GLY A 159 -18.19 -7.66 15.11
N LYS A 160 -17.99 -7.03 16.27
CA LYS A 160 -18.31 -5.61 16.42
C LYS A 160 -17.07 -4.75 16.62
N ILE A 161 -17.14 -3.52 16.14
CA ILE A 161 -16.07 -2.56 16.34
C ILE A 161 -16.62 -1.38 17.14
N THR A 162 -16.06 -1.18 18.33
CA THR A 162 -16.53 -0.15 19.24
C THR A 162 -15.44 0.88 19.47
N VAL A 163 -15.71 2.14 19.12
CA VAL A 163 -14.71 3.20 19.29
C VAL A 163 -14.56 3.58 20.75
N LEU A 164 -13.32 3.63 21.22
CA LEU A 164 -12.99 4.07 22.56
C LEU A 164 -12.59 5.53 22.59
N ASP A 165 -11.81 5.96 21.60
CA ASP A 165 -11.33 7.34 21.54
C ASP A 165 -10.84 7.71 20.15
N THR A 166 -10.76 9.02 19.89
CA THR A 166 -10.24 9.56 18.65
C THR A 166 -9.32 10.73 18.95
N VAL A 167 -8.51 11.12 17.96
CA VAL A 167 -7.64 12.29 18.04
C VAL A 167 -8.01 13.18 16.87
N PRO A 168 -8.17 14.48 17.13
CA PRO A 168 -8.64 15.41 16.09
C PRO A 168 -7.64 15.55 14.95
N GLY A 169 -8.15 15.92 13.77
CA GLY A 169 -7.35 16.00 12.56
C GLY A 169 -6.07 16.82 12.64
N ALA A 170 -6.11 17.95 13.32
CA ALA A 170 -4.97 18.85 13.33
C ALA A 170 -3.74 18.19 13.94
N TRP A 171 -3.94 17.13 14.72
CA TRP A 171 -2.83 16.43 15.34
C TRP A 171 -2.38 15.22 14.54
N SER A 172 -2.73 15.19 13.26
CA SER A 172 -2.45 14.03 12.43
C SER A 172 -0.98 13.65 12.38
N LEU A 173 -0.71 12.39 12.70
CA LEU A 173 0.61 11.83 12.52
C LEU A 173 0.87 11.58 11.03
N GLY A 174 -0.21 11.28 10.31
CA GLY A 174 -0.09 11.01 8.89
C GLY A 174 0.27 12.27 8.13
N PHE A 175 -0.42 13.37 8.42
CA PHE A 175 -0.10 14.65 7.78
C PHE A 175 1.31 15.09 8.17
N PHE A 176 1.62 15.03 9.46
CA PHE A 176 2.95 15.35 9.96
C PHE A 176 4.02 14.70 9.07
N TYR A 177 3.91 13.39 8.91
CA TYR A 177 4.93 12.63 8.19
C TYR A 177 4.96 13.02 6.72
N GLU A 178 3.79 13.21 6.12
CA GLU A 178 3.71 13.70 4.75
C GLU A 178 4.34 15.08 4.61
N HIS A 179 4.06 15.96 5.56
CA HIS A 179 4.62 17.30 5.50
C HIS A 179 6.15 17.20 5.56
N VAL A 180 6.67 16.33 6.41
CA VAL A 180 8.13 16.18 6.51
C VAL A 180 8.65 15.64 5.18
N SER A 181 7.95 14.65 4.66
CA SER A 181 8.33 14.07 3.39
C SER A 181 8.37 15.14 2.30
N GLU A 182 7.38 16.03 2.28
CA GLU A 182 7.35 17.13 1.32
C GLU A 182 8.52 18.10 1.57
N TYR A 183 8.71 18.47 2.83
CA TYR A 183 9.79 19.36 3.25
C TYR A 183 11.15 18.92 2.74
N THR A 184 11.40 17.61 2.74
CA THR A 184 12.71 17.08 2.33
C THR A 184 12.83 17.04 0.81
N GLY A 185 11.73 17.28 0.10
CA GLY A 185 11.73 17.19 -1.35
C GLY A 185 11.36 15.81 -1.85
N LEU A 186 11.17 14.86 -0.94
CA LEU A 186 10.71 13.54 -1.35
C LEU A 186 9.27 13.66 -1.81
N GLY A 187 8.52 14.56 -1.21
CA GLY A 187 7.12 14.76 -1.58
C GLY A 187 6.12 14.14 -0.61
N GLY A 188 5.07 14.89 -0.32
CA GLY A 188 4.03 14.43 0.59
C GLY A 188 3.27 13.25 0.04
N ASP A 189 3.33 13.07 -1.29
CA ASP A 189 2.69 11.92 -1.92
C ASP A 189 3.58 10.67 -1.85
N ASN A 190 4.77 10.78 -1.28
CA ASN A 190 5.74 9.67 -1.23
C ASN A 190 6.28 9.37 0.18
N PRO A 191 5.38 9.26 1.18
CA PRO A 191 5.88 9.05 2.54
C PRO A 191 6.76 7.79 2.64
N GLY A 192 6.47 6.78 1.83
CA GLY A 192 7.28 5.57 1.80
C GLY A 192 8.77 5.85 1.56
N LYS A 193 9.08 6.89 0.78
CA LYS A 193 10.45 7.28 0.53
C LYS A 193 11.11 7.82 1.79
N LEU A 194 10.37 8.66 2.52
CA LEU A 194 10.87 9.21 3.76
C LEU A 194 11.24 8.07 4.70
N MET A 195 10.39 7.05 4.79
CA MET A 195 10.69 5.90 5.65
C MET A 195 11.98 5.24 5.22
N GLY A 196 12.19 5.14 3.92
CA GLY A 196 13.41 4.57 3.38
C GLY A 196 14.61 5.43 3.72
N LEU A 197 14.42 6.75 3.61
CA LEU A 197 15.51 7.68 3.90
C LEU A 197 15.87 7.67 5.38
N ALA A 198 14.86 7.49 6.22
CA ALA A 198 15.03 7.52 7.68
C ALA A 198 16.12 6.56 8.14
N ALA A 199 16.18 5.39 7.50
CA ALA A 199 17.16 4.38 7.87
C ALA A 199 18.61 4.86 7.74
N HIS A 200 18.82 5.92 6.96
CA HIS A 200 20.18 6.40 6.72
C HIS A 200 20.58 7.56 7.62
N GLY A 201 19.64 8.04 8.42
CA GLY A 201 19.90 9.22 9.22
C GLY A 201 20.13 8.88 10.67
N THR A 202 20.47 9.90 11.46
CA THR A 202 20.60 9.72 12.88
C THR A 202 19.60 10.62 13.60
N THR A 203 18.97 10.10 14.63
CA THR A 203 17.98 10.86 15.38
C THR A 203 18.62 11.69 16.47
N VAL A 204 18.35 12.98 16.45
CA VAL A 204 18.88 13.87 17.45
C VAL A 204 17.91 13.97 18.62
N ASP A 205 16.79 14.64 18.36
CA ASP A 205 15.79 14.93 19.38
C ASP A 205 14.46 14.51 18.81
N GLU A 206 13.98 13.33 19.22
CA GLU A 206 12.79 12.73 18.62
C GLU A 206 11.47 13.48 18.90
N THR A 207 11.51 14.48 19.76
CA THR A 207 10.34 15.34 19.95
C THR A 207 10.21 16.35 18.82
N LEU A 208 11.31 16.60 18.11
CA LEU A 208 11.30 17.66 17.10
C LEU A 208 10.83 18.98 17.68
N SER A 209 11.00 19.14 19.00
CA SER A 209 10.55 20.34 19.71
C SER A 209 9.06 20.62 19.46
N ALA A 210 8.29 19.56 19.19
CA ALA A 210 6.87 19.72 18.90
C ALA A 210 6.03 18.69 19.64
N PHE A 211 6.50 17.44 19.63
CA PHE A 211 5.79 16.36 20.26
C PHE A 211 6.16 16.29 21.73
N ALA A 212 5.20 15.96 22.58
CA ALA A 212 5.52 15.46 23.91
C ALA A 212 4.93 14.07 23.95
N PHE A 213 5.74 13.10 24.32
CA PHE A 213 5.30 11.71 24.31
C PHE A 213 4.84 11.26 25.67
N ASP A 214 3.82 10.41 25.70
CA ASP A 214 3.40 9.82 26.96
C ASP A 214 3.00 8.39 26.75
N SER A 215 2.67 7.71 27.85
CA SER A 215 2.40 6.29 27.83
C SER A 215 1.17 5.90 27.00
N ASP A 216 0.30 6.87 26.70
CA ASP A 216 -0.90 6.58 25.89
C ASP A 216 -0.80 7.10 24.47
N GLY A 217 0.32 7.76 24.14
CA GLY A 217 0.48 8.31 22.81
C GLY A 217 1.32 9.56 22.81
N TYR A 218 0.72 10.69 22.44
CA TYR A 218 1.49 11.91 22.22
C TYR A 218 0.65 13.15 22.37
N ARG A 219 1.34 14.28 22.49
CA ARG A 219 0.70 15.57 22.39
C ARG A 219 1.46 16.40 21.38
N LEU A 220 0.75 17.30 20.73
CA LEU A 220 1.37 18.20 19.80
C LEU A 220 1.00 19.63 20.19
N ASN A 221 1.79 20.21 21.07
CA ASN A 221 1.48 21.54 21.59
C ASN A 221 1.74 22.62 20.54
N LEU A 222 2.50 22.27 19.52
CA LEU A 222 2.70 23.11 18.36
C LEU A 222 1.38 23.54 17.69
N ILE A 223 0.36 22.71 17.80
CA ILE A 223 -0.87 22.97 17.06
C ILE A 223 -2.10 22.87 17.92
N ASP A 224 -2.97 23.85 17.81
CA ASP A 224 -4.26 23.76 18.46
C ASP A 224 -4.96 22.54 17.90
N PRO A 225 -5.26 21.55 18.75
CA PRO A 225 -5.90 20.30 18.32
C PRO A 225 -7.25 20.52 17.66
N GLN A 226 -7.90 21.65 17.92
CA GLN A 226 -9.19 21.91 17.31
C GLN A 226 -9.06 22.84 16.11
N ALA A 227 -7.84 23.11 15.68
CA ALA A 227 -7.64 23.97 14.51
C ALA A 227 -8.30 23.31 13.31
N ARG A 228 -8.89 24.12 12.44
CA ARG A 228 -9.58 23.59 11.27
C ARG A 228 -9.53 24.54 10.09
N ASP A 229 -9.30 24.00 8.91
CA ASP A 229 -9.39 24.78 7.69
C ASP A 229 -10.86 25.05 7.38
N PRO A 230 -11.32 26.30 7.59
CA PRO A 230 -12.71 26.65 7.28
C PRO A 230 -12.92 26.70 5.77
N GLU A 231 -11.84 26.59 5.00
CA GLU A 231 -11.90 26.66 3.54
C GLU A 231 -11.57 25.34 2.88
N ASP A 232 -11.72 24.24 3.63
CA ASP A 232 -11.49 22.91 3.08
C ASP A 232 -12.20 21.91 3.98
N TRP A 233 -12.06 20.64 3.69
CA TRP A 233 -12.73 19.63 4.51
C TRP A 233 -11.75 18.66 5.16
N ASP A 234 -10.48 19.04 5.16
CA ASP A 234 -9.52 18.41 6.05
C ASP A 234 -8.47 19.43 6.49
N GLU A 235 -7.68 19.07 7.49
CA GLU A 235 -6.79 20.04 8.12
C GLU A 235 -5.39 20.02 7.49
N TYR A 236 -5.27 19.43 6.29
CA TYR A 236 -3.96 19.29 5.67
C TYR A 236 -3.23 20.62 5.49
N SER A 237 -3.92 21.61 4.95
CA SER A 237 -3.31 22.92 4.71
C SER A 237 -2.87 23.58 6.00
N VAL A 238 -3.72 23.52 7.02
CA VAL A 238 -3.41 24.13 8.30
C VAL A 238 -2.21 23.44 8.92
N THR A 239 -2.21 22.11 8.91
CA THR A 239 -1.10 21.38 9.49
C THR A 239 0.16 21.58 8.66
N GLU A 240 0.00 21.69 7.34
CA GLU A 240 1.14 21.91 6.47
C GLU A 240 1.85 23.21 6.85
N ARG A 241 1.07 24.27 6.99
CA ARG A 241 1.65 25.57 7.33
C ARG A 241 2.37 25.55 8.67
N ALA A 242 1.72 24.98 9.69
CA ALA A 242 2.34 24.92 11.02
C ALA A 242 3.63 24.08 11.00
N TRP A 243 3.59 22.94 10.35
CA TRP A 243 4.76 22.07 10.29
C TRP A 243 5.90 22.70 9.50
N PHE A 244 5.58 23.29 8.35
CA PHE A 244 6.62 23.92 7.55
C PHE A 244 7.26 25.10 8.28
N ALA A 245 6.46 25.89 8.97
CA ALA A 245 7.04 27.03 9.69
C ALA A 245 7.90 26.52 10.83
N HIS A 246 7.38 25.54 11.56
CA HIS A 246 8.11 24.97 12.69
C HIS A 246 9.42 24.32 12.25
N LEU A 247 9.35 23.48 11.23
CA LEU A 247 10.53 22.76 10.77
C LEU A 247 11.60 23.74 10.36
N GLU A 248 11.20 24.82 9.70
CA GLU A 248 12.18 25.75 9.20
C GLU A 248 12.86 26.45 10.38
N ARG A 249 12.12 26.63 11.48
CA ARG A 249 12.69 27.25 12.67
CA ARG A 249 12.70 27.26 12.65
C ARG A 249 13.74 26.35 13.32
N ILE A 250 13.38 25.08 13.52
CA ILE A 250 14.25 24.19 14.30
C ILE A 250 15.28 23.36 13.53
N TYR A 251 15.10 23.18 12.23
CA TYR A 251 16.00 22.31 11.48
C TYR A 251 16.98 23.17 10.71
N ARG A 252 18.23 22.70 10.61
CA ARG A 252 19.28 23.47 9.95
C ARG A 252 18.96 23.79 8.49
N LEU A 253 18.22 22.93 7.79
CA LEU A 253 17.91 23.20 6.39
C LEU A 253 16.50 23.71 6.22
N PRO A 254 16.30 24.67 5.30
CA PRO A 254 14.94 25.12 4.97
C PRO A 254 14.28 24.11 4.04
N PRO A 255 13.00 24.34 3.70
CA PRO A 255 12.32 23.41 2.80
C PRO A 255 13.16 23.16 1.55
N ASN A 256 13.18 21.91 1.08
CA ASN A 256 13.77 21.61 -0.21
C ASN A 256 12.74 22.00 -1.26
N GLU A 257 13.12 22.88 -2.17
CA GLU A 257 12.17 23.34 -3.19
C GLU A 257 12.19 22.47 -4.42
N PHE A 258 11.04 22.42 -5.08
CA PHE A 258 10.94 21.75 -6.36
C PHE A 258 11.32 22.70 -7.47
N VAL A 259 11.99 22.14 -8.48
CA VAL A 259 12.49 22.91 -9.60
C VAL A 259 11.90 22.35 -10.87
N ARG A 260 11.30 23.21 -11.69
CA ARG A 260 10.75 22.80 -12.96
C ARG A 260 11.53 23.40 -14.10
N ARG A 261 12.28 22.56 -14.82
CA ARG A 261 13.13 23.08 -15.88
C ARG A 261 13.00 22.25 -17.11
N TYR A 262 13.14 22.89 -18.27
CA TYR A 262 13.19 22.15 -19.51
C TYR A 262 14.49 21.37 -19.56
N ASP A 263 14.38 20.07 -19.80
CA ASP A 263 15.56 19.22 -19.90
C ASP A 263 15.71 18.82 -21.36
N PRO A 264 16.73 19.35 -22.04
CA PRO A 264 16.89 19.10 -23.48
C PRO A 264 17.13 17.62 -23.80
N ALA A 265 17.64 16.88 -22.83
CA ALA A 265 17.84 15.45 -22.99
C ALA A 265 16.49 14.71 -23.06
N LYS A 266 15.49 15.21 -22.34
CA LYS A 266 14.18 14.56 -22.32
C LYS A 266 13.18 15.26 -23.23
N GLY A 267 13.50 16.47 -23.65
CA GLY A 267 12.62 17.25 -24.49
C GLY A 267 11.35 17.68 -23.79
N ARG A 268 11.43 17.86 -22.47
CA ARG A 268 10.27 18.18 -21.65
CA ARG A 268 10.28 18.31 -21.72
C ARG A 268 10.69 18.99 -20.43
N VAL A 269 9.73 19.69 -19.83
CA VAL A 269 9.96 20.29 -18.53
C VAL A 269 9.86 19.15 -17.51
N VAL A 270 10.92 18.96 -16.73
CA VAL A 270 10.92 17.93 -15.71
C VAL A 270 11.00 18.56 -14.34
N ARG A 271 10.48 17.86 -13.34
CA ARG A 271 10.52 18.32 -11.96
C ARG A 271 11.68 17.67 -11.22
N ASP A 272 12.48 18.49 -10.55
CA ASP A 272 13.63 18.01 -9.80
C ASP A 272 13.55 18.71 -8.43
N THR A 273 14.52 18.47 -7.56
CA THR A 273 14.58 19.17 -6.29
C THR A 273 15.83 20.03 -6.27
N ARG A 274 15.75 21.17 -5.57
CA ARG A 274 16.86 22.11 -5.52
C ARG A 274 18.02 21.45 -4.80
N ARG A 275 17.70 20.72 -3.74
CA ARG A 275 18.68 20.01 -2.94
C ARG A 275 18.48 18.51 -3.05
N ASP A 276 19.54 17.75 -2.78
CA ASP A 276 19.44 16.30 -2.66
C ASP A 276 18.66 15.96 -1.39
N PRO A 277 17.57 15.19 -1.50
CA PRO A 277 16.81 14.89 -0.28
C PRO A 277 17.65 14.15 0.77
N TYR A 278 18.65 13.40 0.29
CA TYR A 278 19.55 12.68 1.19
C TYR A 278 20.18 13.60 2.25
N GLU A 279 20.33 14.89 1.94
CA GLU A 279 20.84 15.84 2.93
C GLU A 279 19.94 15.93 4.17
N TYR A 280 18.66 15.63 4.00
CA TYR A 280 17.70 15.73 5.12
C TYR A 280 17.59 14.43 5.91
N ARG A 281 18.51 13.49 5.69
CA ARG A 281 18.38 12.16 6.29
C ARG A 281 18.20 12.18 7.81
N ASP A 282 18.85 13.12 8.49
CA ASP A 282 18.65 13.24 9.94
C ASP A 282 17.23 13.74 10.27
N LEU A 283 16.68 14.63 9.44
CA LEU A 283 15.28 15.01 9.64
C LEU A 283 14.39 13.77 9.45
N ALA A 284 14.67 13.02 8.39
CA ALA A 284 13.88 11.81 8.12
C ALA A 284 13.96 10.82 9.27
N ALA A 285 15.17 10.54 9.76
CA ALA A 285 15.33 9.63 10.88
C ALA A 285 14.59 10.12 12.12
N THR A 286 14.65 11.42 12.36
CA THR A 286 14.01 12.01 13.54
C THR A 286 12.48 11.95 13.41
N ALA A 287 11.97 12.23 12.21
CA ALA A 287 10.54 12.13 11.96
C ALA A 287 10.03 10.72 12.19
N GLN A 288 10.79 9.74 11.71
CA GLN A 288 10.44 8.34 11.82
C GLN A 288 10.42 7.92 13.29
N ALA A 289 11.42 8.38 14.05
CA ALA A 289 11.49 8.07 15.47
C ALA A 289 10.32 8.71 16.22
N ALA A 290 9.97 9.94 15.85
CA ALA A 290 8.83 10.60 16.46
C ALA A 290 7.54 9.83 16.18
N LEU A 291 7.37 9.40 14.93
CA LEU A 291 6.15 8.71 14.53
C LEU A 291 6.06 7.40 15.31
N GLU A 292 7.16 6.66 15.34
CA GLU A 292 7.19 5.38 16.05
C GLU A 292 6.79 5.55 17.50
N ARG A 293 7.43 6.51 18.17
CA ARG A 293 7.18 6.73 19.58
C ARG A 293 5.73 7.08 19.86
N ALA A 294 5.18 7.97 19.05
CA ALA A 294 3.78 8.36 19.22
C ALA A 294 2.89 7.13 19.06
N VAL A 295 3.17 6.36 18.03
CA VAL A 295 2.36 5.20 17.73
C VAL A 295 2.51 4.08 18.77
N PHE A 296 3.72 3.88 19.28
CA PHE A 296 3.92 2.94 20.40
C PHE A 296 2.97 3.25 21.55
N GLY A 297 2.87 4.52 21.92
CA GLY A 297 2.00 4.92 23.01
C GLY A 297 0.55 4.61 22.69
N LEU A 298 0.11 5.01 21.50
CA LEU A 298 -1.24 4.73 21.07
C LEU A 298 -1.53 3.23 21.14
N ALA A 299 -0.65 2.42 20.56
CA ALA A 299 -0.85 0.97 20.57
C ALA A 299 -0.90 0.42 22.00
N ASP A 300 0.07 0.77 22.83
CA ASP A 300 0.08 0.29 24.21
C ASP A 300 -1.26 0.65 24.83
N SER A 301 -1.72 1.87 24.55
CA SER A 301 -2.91 2.38 25.19
C SER A 301 -4.15 1.58 24.83
N VAL A 302 -4.40 1.39 23.54
CA VAL A 302 -5.59 0.64 23.12
C VAL A 302 -5.50 -0.84 23.54
N LEU A 303 -4.30 -1.41 23.54
CA LEU A 303 -4.14 -2.78 24.00
C LEU A 303 -4.49 -2.89 25.48
N ALA A 304 -3.99 -1.95 26.29
CA ALA A 304 -4.26 -1.97 27.73
C ALA A 304 -5.75 -1.78 28.01
N ARG A 305 -6.36 -0.78 27.37
CA ARG A 305 -7.77 -0.46 27.57
C ARG A 305 -8.71 -1.60 27.20
N THR A 306 -8.43 -2.27 26.08
CA THR A 306 -9.30 -3.34 25.60
C THR A 306 -8.93 -4.68 26.22
N GLY A 307 -7.72 -4.76 26.77
CA GLY A 307 -7.26 -6.00 27.38
C GLY A 307 -6.97 -7.09 26.38
N GLU A 308 -6.65 -6.68 25.17
CA GLU A 308 -6.32 -7.62 24.10
C GLU A 308 -4.80 -7.66 23.92
N ARG A 309 -4.31 -8.68 23.24
CA ARG A 309 -2.89 -8.73 22.89
C ARG A 309 -2.71 -8.95 21.37
N THR A 310 -3.83 -8.89 20.67
CA THR A 310 -3.81 -8.83 19.20
C THR A 310 -4.08 -7.40 18.77
N LEU A 311 -3.21 -6.87 17.91
CA LEU A 311 -3.33 -5.51 17.45
C LEU A 311 -3.67 -5.46 15.97
N PHE A 312 -4.76 -4.77 15.65
CA PHE A 312 -5.10 -4.48 14.26
C PHE A 312 -4.70 -3.04 13.98
N VAL A 313 -3.98 -2.82 12.88
CA VAL A 313 -3.61 -1.47 12.47
C VAL A 313 -4.09 -1.20 11.05
N ALA A 314 -4.63 -0.01 10.84
CA ALA A 314 -4.95 0.42 9.50
C ALA A 314 -4.92 1.94 9.50
N GLY A 315 -5.28 2.55 8.38
CA GLY A 315 -4.99 3.95 8.17
C GLY A 315 -3.67 4.05 7.43
N GLY A 316 -3.45 5.19 6.76
CA GLY A 316 -2.27 5.35 5.94
C GLY A 316 -0.93 5.13 6.66
N VAL A 317 -0.88 5.45 7.94
CA VAL A 317 0.38 5.29 8.68
C VAL A 317 0.67 3.80 8.86
N GLY A 318 -0.35 2.97 8.69
CA GLY A 318 -0.21 1.54 8.82
C GLY A 318 0.69 0.95 7.75
N LEU A 319 1.03 1.75 6.75
CA LEU A 319 1.97 1.34 5.72
C LEU A 319 3.42 1.54 6.15
N ASN A 320 3.63 2.10 7.33
CA ASN A 320 5.00 2.25 7.80
C ASN A 320 5.54 0.92 8.34
N ALA A 321 6.14 0.14 7.46
CA ALA A 321 6.57 -1.22 7.78
C ALA A 321 7.60 -1.23 8.91
N THR A 322 8.48 -0.23 8.90
CA THR A 322 9.50 -0.09 9.93
C THR A 322 8.86 0.05 11.30
N MET A 323 7.85 0.91 11.40
CA MET A 323 7.14 1.10 12.65
C MET A 323 6.38 -0.17 13.04
N ASN A 324 5.79 -0.83 12.05
CA ASN A 324 5.06 -2.05 12.31
C ASN A 324 5.95 -3.15 12.89
N GLY A 325 7.15 -3.30 12.36
CA GLY A 325 8.06 -4.32 12.86
C GLY A 325 8.40 -4.09 14.33
N LYS A 326 8.54 -2.83 14.70
CA LYS A 326 8.83 -2.48 16.08
C LYS A 326 7.60 -2.67 16.97
N LEU A 327 6.41 -2.36 16.45
CA LEU A 327 5.20 -2.63 17.19
C LEU A 327 5.16 -4.12 17.50
N LEU A 328 5.51 -4.93 16.51
CA LEU A 328 5.39 -6.36 16.62
C LEU A 328 6.27 -6.93 17.73
N THR A 329 7.43 -6.33 17.97
CA THR A 329 8.32 -6.85 19.00
C THR A 329 8.05 -6.25 20.37
N ARG A 330 7.07 -5.36 20.47
CA ARG A 330 6.74 -4.74 21.75
C ARG A 330 6.17 -5.74 22.74
N SER A 331 6.61 -5.66 23.99
CA SER A 331 6.14 -6.60 25.00
C SER A 331 4.61 -6.64 25.12
N THR A 332 3.94 -5.57 24.68
CA THR A 332 2.48 -5.48 24.84
C THR A 332 1.68 -6.11 23.69
N VAL A 333 2.37 -6.66 22.70
CA VAL A 333 1.72 -7.16 21.49
C VAL A 333 2.05 -8.63 21.30
N ASP A 334 1.08 -9.50 21.07
CA ASP A 334 1.44 -10.89 20.77
C ASP A 334 1.26 -11.18 19.29
N LYS A 335 0.12 -10.74 18.77
CA LYS A 335 -0.17 -10.93 17.36
C LYS A 335 -0.57 -9.61 16.73
N MET A 336 -0.22 -9.46 15.46
CA MET A 336 -0.57 -8.28 14.71
C MET A 336 -1.14 -8.65 13.37
N PHE A 337 -2.16 -7.93 12.96
CA PHE A 337 -2.57 -8.01 11.57
C PHE A 337 -2.70 -6.62 10.97
N VAL A 338 -2.02 -6.40 9.85
CA VAL A 338 -2.18 -5.17 9.11
C VAL A 338 -2.49 -5.57 7.68
N PRO A 339 -3.66 -5.17 7.17
CA PRO A 339 -4.02 -5.57 5.81
C PRO A 339 -3.10 -4.86 4.82
N PRO A 340 -2.91 -5.46 3.64
CA PRO A 340 -2.07 -4.86 2.59
C PRO A 340 -2.64 -3.53 2.15
N VAL A 341 -3.93 -3.36 2.37
CA VAL A 341 -4.62 -2.14 1.98
C VAL A 341 -4.94 -1.27 3.21
N ALA A 342 -3.95 -1.10 4.07
CA ALA A 342 -4.11 -0.30 5.28
C ALA A 342 -4.45 1.15 4.94
N SER A 343 -3.97 1.63 3.80
CA SER A 343 -4.22 3.01 3.41
C SER A 343 -5.66 3.16 2.92
N ASP A 344 -5.97 4.35 2.41
CA ASP A 344 -7.32 4.63 1.95
C ASP A 344 -7.83 3.73 0.85
N ILE A 345 -6.96 3.12 0.07
CA ILE A 345 -7.46 2.16 -0.91
C ILE A 345 -8.26 1.06 -0.23
N GLY A 346 -7.98 0.81 1.05
CA GLY A 346 -8.63 -0.28 1.76
C GLY A 346 -10.03 0.03 2.23
N VAL A 347 -10.43 1.30 2.20
CA VAL A 347 -11.73 1.64 2.77
C VAL A 347 -12.91 1.28 1.85
N SER A 348 -12.62 0.99 0.58
CA SER A 348 -13.65 0.41 -0.27
C SER A 348 -13.99 -0.97 0.30
N LEU A 349 -12.96 -1.79 0.46
CA LEU A 349 -13.11 -3.14 0.99
C LEU A 349 -13.67 -3.11 2.41
N GLY A 350 -13.16 -2.20 3.24
CA GLY A 350 -13.64 -2.07 4.61
C GLY A 350 -15.12 -1.68 4.66
N ALA A 351 -15.53 -0.73 3.82
CA ALA A 351 -16.93 -0.33 3.78
C ALA A 351 -17.79 -1.50 3.33
N ALA A 352 -17.32 -2.26 2.35
CA ALA A 352 -18.04 -3.44 1.89
C ALA A 352 -18.24 -4.43 3.04
N ALA A 353 -17.16 -4.67 3.78
CA ALA A 353 -17.20 -5.62 4.88
C ALA A 353 -18.15 -5.18 5.98
N ALA A 354 -18.07 -3.92 6.38
CA ALA A 354 -18.94 -3.42 7.42
C ALA A 354 -20.38 -3.65 7.02
N VAL A 355 -20.69 -3.34 5.77
CA VAL A 355 -22.06 -3.48 5.32
C VAL A 355 -22.45 -4.95 5.22
N ALA A 356 -21.59 -5.77 4.63
CA ALA A 356 -21.86 -7.21 4.51
C ALA A 356 -22.09 -7.83 5.88
N VAL A 357 -21.26 -7.46 6.84
CA VAL A 357 -21.43 -7.96 8.20
C VAL A 357 -22.79 -7.53 8.76
N GLU A 358 -23.15 -6.28 8.54
CA GLU A 358 -24.41 -5.76 9.02
C GLU A 358 -25.58 -6.50 8.37
N LEU A 359 -25.36 -7.02 7.15
CA LEU A 359 -26.38 -7.77 6.42
C LEU A 359 -26.30 -9.26 6.75
N GLY A 360 -25.44 -9.62 7.69
CA GLY A 360 -25.46 -10.95 8.26
C GLY A 360 -24.44 -11.91 7.69
N ASP A 361 -23.56 -11.40 6.83
CA ASP A 361 -22.52 -12.26 6.28
C ASP A 361 -21.35 -12.43 7.25
N ARG A 362 -20.61 -13.52 7.09
CA ARG A 362 -19.37 -13.75 7.80
C ARG A 362 -18.24 -13.49 6.82
N ILE A 363 -17.26 -12.70 7.23
CA ILE A 363 -16.16 -12.32 6.34
C ILE A 363 -15.01 -13.30 6.46
N ALA A 364 -14.59 -13.84 5.32
CA ALA A 364 -13.46 -14.77 5.26
C ALA A 364 -12.14 -14.04 5.45
N PRO A 365 -11.12 -14.73 5.99
CA PRO A 365 -9.79 -14.13 6.13
C PRO A 365 -9.13 -13.89 4.76
N MET A 366 -8.30 -12.85 4.67
CA MET A 366 -7.61 -12.57 3.43
C MET A 366 -6.76 -13.73 3.02
N GLY A 367 -6.16 -14.38 4.01
CA GLY A 367 -5.45 -15.62 3.78
C GLY A 367 -4.17 -15.55 2.95
N ASP A 368 -3.25 -14.69 3.35
CA ASP A 368 -1.89 -14.73 2.80
C ASP A 368 -1.81 -14.41 1.30
N THR A 369 -2.77 -13.66 0.78
CA THR A 369 -2.69 -13.21 -0.60
C THR A 369 -3.36 -11.85 -0.74
N ALA A 370 -2.87 -11.05 -1.68
CA ALA A 370 -3.54 -9.80 -2.03
C ALA A 370 -3.88 -9.81 -3.51
N ALA A 371 -3.86 -11.00 -4.11
CA ALA A 371 -4.02 -11.09 -5.56
C ALA A 371 -5.49 -11.08 -5.97
N TRP A 372 -6.08 -9.89 -6.04
CA TRP A 372 -7.50 -9.80 -6.33
C TRP A 372 -7.83 -8.98 -7.57
N GLY A 373 -6.79 -8.50 -8.24
CA GLY A 373 -6.99 -7.67 -9.41
C GLY A 373 -7.19 -8.50 -10.64
N PRO A 374 -7.22 -7.84 -11.81
CA PRO A 374 -7.44 -8.57 -13.06
C PRO A 374 -6.31 -9.54 -13.31
N GLU A 375 -6.64 -10.63 -13.99
CA GLU A 375 -5.63 -11.52 -14.56
C GLU A 375 -5.98 -11.70 -16.02
N PHE A 376 -5.08 -12.32 -16.75
CA PHE A 376 -5.25 -12.44 -18.18
C PHE A 376 -4.90 -13.85 -18.61
N SER A 377 -5.65 -14.38 -19.56
CA SER A 377 -5.44 -15.72 -20.06
C SER A 377 -4.29 -15.72 -21.05
N PRO A 378 -3.74 -16.90 -21.36
CA PRO A 378 -2.66 -17.01 -22.36
C PRO A 378 -3.03 -16.36 -23.69
N ASP A 379 -4.25 -16.56 -24.16
CA ASP A 379 -4.68 -15.92 -25.39
C ASP A 379 -4.63 -14.41 -25.28
N GLN A 380 -5.03 -13.88 -24.13
CA GLN A 380 -5.02 -12.43 -23.95
C GLN A 380 -3.60 -11.88 -23.89
N VAL A 381 -2.71 -12.61 -23.21
CA VAL A 381 -1.31 -12.20 -23.17
C VAL A 381 -0.71 -12.27 -24.58
N ARG A 382 -1.00 -13.34 -25.29
CA ARG A 382 -0.48 -13.53 -26.64
C ARG A 382 -0.96 -12.40 -27.54
N ALA A 383 -2.18 -11.93 -27.33
CA ALA A 383 -2.69 -10.83 -28.13
C ALA A 383 -1.84 -9.60 -27.91
N ALA A 384 -1.55 -9.29 -26.65
CA ALA A 384 -0.70 -8.15 -26.33
C ALA A 384 0.71 -8.35 -26.89
N LEU A 385 1.21 -9.57 -26.82
CA LEU A 385 2.53 -9.87 -27.37
C LEU A 385 2.55 -9.67 -28.88
N ASP A 386 1.51 -10.14 -29.55
CA ASP A 386 1.47 -10.05 -31.01
C ASP A 386 1.43 -8.60 -31.48
N ARG A 387 0.86 -7.71 -30.67
CA ARG A 387 0.88 -6.27 -30.95
C ARG A 387 2.29 -5.71 -31.07
N THR A 388 3.21 -6.23 -30.26
CA THR A 388 4.55 -5.67 -30.20
C THR A 388 5.44 -6.14 -31.35
N GLY A 389 5.08 -7.25 -31.96
CA GLY A 389 5.94 -7.90 -32.93
C GLY A 389 7.21 -8.48 -32.33
N LEU A 390 7.32 -8.54 -31.01
CA LEU A 390 8.50 -9.15 -30.39
C LEU A 390 8.45 -10.68 -30.47
N ALA A 391 9.60 -11.29 -30.69
CA ALA A 391 9.71 -12.74 -30.57
C ALA A 391 9.62 -13.12 -29.12
N TYR A 392 9.07 -14.30 -28.86
CA TYR A 392 8.97 -14.80 -27.49
C TYR A 392 8.91 -16.31 -27.47
N ARG A 393 9.08 -16.89 -26.30
CA ARG A 393 9.06 -18.33 -26.14
C ARG A 393 7.98 -18.71 -25.15
N GLU A 394 7.59 -19.98 -25.20
CA GLU A 394 6.69 -20.55 -24.21
C GLU A 394 7.40 -21.73 -23.58
N PRO A 395 8.20 -21.47 -22.54
CA PRO A 395 9.04 -22.50 -21.93
C PRO A 395 8.27 -23.66 -21.39
N ALA A 396 8.81 -24.86 -21.59
CA ALA A 396 8.21 -26.06 -21.03
C ALA A 396 8.15 -25.95 -19.51
N ASN A 397 9.17 -25.33 -18.93
CA ASN A 397 9.19 -25.07 -17.49
C ASN A 397 9.59 -23.62 -17.19
N LEU A 398 8.60 -22.73 -17.22
CA LEU A 398 8.83 -21.30 -17.05
C LEU A 398 9.44 -21.00 -15.69
N GLU A 399 8.94 -21.64 -14.65
CA GLU A 399 9.39 -21.38 -13.29
C GLU A 399 10.86 -21.73 -13.11
N ARG A 400 11.27 -22.87 -13.67
CA ARG A 400 12.67 -23.26 -13.62
C ARG A 400 13.55 -22.26 -14.37
N GLU A 401 13.14 -21.90 -15.58
CA GLU A 401 13.93 -20.98 -16.38
C GLU A 401 14.05 -19.60 -15.71
N VAL A 402 12.96 -19.12 -15.12
CA VAL A 402 13.00 -17.85 -14.41
C VAL A 402 13.96 -17.96 -13.22
N ALA A 403 13.88 -19.07 -12.49
CA ALA A 403 14.80 -19.31 -11.38
C ALA A 403 16.27 -19.20 -11.83
N ALA A 404 16.61 -19.85 -12.93
CA ALA A 404 17.98 -19.78 -13.43
C ALA A 404 18.39 -18.37 -13.87
N LEU A 405 17.45 -17.60 -14.40
CA LEU A 405 17.77 -16.23 -14.80
C LEU A 405 18.11 -15.39 -13.57
N ILE A 406 17.27 -15.51 -12.55
CA ILE A 406 17.47 -14.79 -11.31
C ILE A 406 18.81 -15.23 -10.68
N ALA A 407 19.03 -16.53 -10.64
CA ALA A 407 20.25 -17.07 -10.04
C ALA A 407 21.50 -16.47 -10.68
N SER A 408 21.46 -16.28 -11.99
CA SER A 408 22.61 -15.72 -12.72
C SER A 408 22.78 -14.20 -12.57
N GLY A 409 21.86 -13.56 -11.87
CA GLY A 409 21.99 -12.13 -11.62
C GLY A 409 21.24 -11.30 -12.65
N LYS A 410 20.26 -11.92 -13.30
CA LYS A 410 19.44 -11.17 -14.25
C LYS A 410 18.16 -10.66 -13.58
N VAL A 411 17.61 -9.58 -14.12
CA VAL A 411 16.41 -8.99 -13.57
C VAL A 411 15.23 -9.41 -14.42
N VAL A 412 14.20 -9.97 -13.79
CA VAL A 412 13.09 -10.56 -14.52
C VAL A 412 11.74 -9.93 -14.15
N GLY A 413 11.07 -9.39 -15.14
CA GLY A 413 9.69 -8.96 -14.96
C GLY A 413 8.82 -10.21 -14.80
N TRP A 414 7.87 -10.15 -13.88
CA TRP A 414 7.06 -11.31 -13.56
C TRP A 414 5.62 -10.85 -13.44
N ALA A 415 4.84 -11.08 -14.50
CA ALA A 415 3.44 -10.68 -14.52
C ALA A 415 2.61 -11.94 -14.67
N GLN A 416 2.00 -12.35 -13.56
CA GLN A 416 1.31 -13.63 -13.49
C GLN A 416 0.01 -13.46 -12.70
N GLY A 417 -1.01 -14.21 -13.08
CA GLY A 417 -2.23 -14.27 -12.29
C GLY A 417 -2.89 -12.92 -12.03
N ARG A 418 -3.62 -12.84 -10.93
CA ARG A 418 -4.40 -11.66 -10.55
C ARG A 418 -3.50 -10.60 -9.97
N GLY A 419 -3.63 -9.37 -10.43
CA GLY A 419 -2.81 -8.29 -9.92
C GLY A 419 -2.95 -8.16 -8.41
N GLU A 420 -1.86 -7.87 -7.73
CA GLU A 420 -2.00 -7.64 -6.30
C GLU A 420 -2.67 -6.29 -6.02
N VAL A 421 -3.27 -6.17 -4.85
CA VAL A 421 -3.82 -4.87 -4.44
C VAL A 421 -2.93 -4.31 -3.33
N GLY A 422 -2.88 -3.00 -3.22
CA GLY A 422 -1.96 -2.36 -2.29
C GLY A 422 -0.69 -1.98 -3.02
N PRO A 423 0.20 -1.23 -2.34
CA PRO A 423 1.39 -0.67 -2.98
C PRO A 423 2.55 -1.66 -3.14
N ARG A 424 2.47 -2.85 -2.58
CA ARG A 424 3.55 -3.82 -2.69
C ARG A 424 3.31 -4.84 -3.79
N ALA A 425 4.34 -5.09 -4.58
CA ALA A 425 4.35 -6.25 -5.48
C ALA A 425 4.60 -7.49 -4.65
N LEU A 426 3.86 -8.55 -4.94
CA LEU A 426 3.88 -9.75 -4.11
C LEU A 426 3.91 -10.99 -4.99
N GLY A 427 4.59 -10.88 -6.12
CA GLY A 427 4.74 -12.02 -7.01
C GLY A 427 3.63 -12.20 -8.03
N GLN A 428 2.82 -11.16 -8.24
CA GLN A 428 1.85 -11.16 -9.35
C GLN A 428 2.31 -10.14 -10.39
N ARG A 429 2.84 -9.01 -9.91
CA ARG A 429 3.38 -7.95 -10.76
C ARG A 429 4.71 -7.42 -10.21
N SER A 430 5.75 -8.22 -10.37
CA SER A 430 7.00 -7.97 -9.68
C SER A 430 8.17 -7.87 -10.63
N LEU A 431 9.22 -7.17 -10.18
CA LEU A 431 10.52 -7.29 -10.78
C LEU A 431 11.37 -8.12 -9.82
N LEU A 432 11.92 -9.22 -10.33
CA LEU A 432 12.62 -10.20 -9.51
C LEU A 432 14.12 -10.15 -9.76
N GLY A 433 14.91 -10.32 -8.71
CA GLY A 433 16.35 -10.31 -8.85
C GLY A 433 16.98 -11.14 -7.75
N SER A 434 18.29 -11.32 -7.81
CA SER A 434 18.99 -12.10 -6.80
C SER A 434 18.99 -11.44 -5.43
N ALA A 435 18.48 -12.15 -4.43
CA ALA A 435 18.61 -11.72 -3.05
C ALA A 435 20.07 -11.87 -2.57
N HIS A 436 20.85 -12.67 -3.29
CA HIS A 436 22.19 -13.06 -2.84
C HIS A 436 23.32 -12.20 -3.40
N SER A 437 22.98 -11.32 -4.34
CA SER A 437 23.96 -10.52 -5.03
C SER A 437 24.28 -9.22 -4.30
N PRO A 438 25.57 -8.95 -4.04
CA PRO A 438 25.94 -7.72 -3.33
C PRO A 438 25.96 -6.52 -4.29
N THR A 439 25.61 -6.72 -5.55
CA THR A 439 25.53 -5.61 -6.51
C THR A 439 24.12 -5.37 -7.05
N MET A 440 23.19 -6.28 -6.76
CA MET A 440 21.84 -6.20 -7.32
C MET A 440 21.11 -4.93 -6.90
N ARG A 441 21.31 -4.51 -5.66
CA ARG A 441 20.61 -3.33 -5.15
C ARG A 441 20.98 -2.09 -5.96
N ASP A 442 22.26 -1.83 -6.13
CA ASP A 442 22.70 -0.70 -6.94
C ASP A 442 22.26 -0.85 -8.38
N HIS A 443 22.37 -2.07 -8.90
CA HIS A 443 21.94 -2.35 -10.27
C HIS A 443 20.48 -1.93 -10.50
N ILE A 444 19.59 -2.40 -9.63
CA ILE A 444 18.18 -2.09 -9.81
C ILE A 444 17.86 -0.63 -9.47
N ASN A 445 18.42 -0.08 -8.39
CA ASN A 445 18.19 1.33 -8.11
C ASN A 445 18.70 2.24 -9.24
N LEU A 446 19.96 2.04 -9.60
CA LEU A 446 20.63 2.95 -10.51
C LEU A 446 20.38 2.59 -11.97
N ARG A 447 20.73 1.39 -12.36
CA ARG A 447 20.61 0.99 -13.77
C ARG A 447 19.15 0.79 -14.19
N VAL A 448 18.43 -0.07 -13.46
CA VAL A 448 17.09 -0.45 -13.88
C VAL A 448 16.01 0.63 -13.70
N LYS A 449 15.81 1.07 -12.47
CA LYS A 449 14.78 2.06 -12.16
C LYS A 449 15.28 3.51 -12.15
N ASP A 450 16.57 3.71 -12.36
CA ASP A 450 17.15 5.06 -12.43
C ASP A 450 16.65 5.97 -11.30
N ARG A 451 16.84 5.52 -10.06
CA ARG A 451 16.32 6.28 -8.94
C ARG A 451 17.40 6.41 -7.85
N GLU A 452 16.99 6.66 -6.61
CA GLU A 452 17.93 6.92 -5.52
C GLU A 452 18.70 5.69 -5.06
N TRP A 453 20.01 5.85 -4.90
CA TRP A 453 20.88 4.76 -4.47
C TRP A 453 20.49 4.23 -3.09
N TRP A 454 19.89 5.09 -2.27
CA TRP A 454 19.59 4.71 -0.89
C TRP A 454 18.28 3.96 -0.69
N ARG A 455 17.56 3.65 -1.76
CA ARG A 455 16.31 2.92 -1.60
C ARG A 455 16.58 1.44 -1.28
N PRO A 456 15.84 0.88 -0.31
CA PRO A 456 16.00 -0.51 0.11
C PRO A 456 15.20 -1.48 -0.77
N PHE A 457 15.63 -2.74 -0.80
CA PHE A 457 14.84 -3.79 -1.43
C PHE A 457 14.46 -4.86 -0.42
N ALA A 458 13.47 -5.67 -0.80
CA ALA A 458 12.89 -6.63 0.11
C ALA A 458 12.74 -7.99 -0.55
N PRO A 459 12.70 -9.06 0.26
CA PRO A 459 12.69 -10.42 -0.29
C PRO A 459 11.33 -11.08 -0.25
N SER A 460 11.08 -11.92 -1.25
CA SER A 460 10.03 -12.92 -1.16
C SER A 460 10.73 -14.21 -0.80
N MET A 461 10.09 -15.04 0.01
CA MET A 461 10.67 -16.34 0.40
C MET A 461 9.56 -17.34 0.69
N LEU A 462 9.87 -18.62 0.57
CA LEU A 462 8.89 -19.65 0.88
C LEU A 462 8.54 -19.54 2.35
N ARG A 463 7.26 -19.60 2.65
CA ARG A 463 6.85 -19.66 4.05
C ARG A 463 7.55 -20.83 4.75
N SER A 464 7.77 -21.91 4.02
CA SER A 464 8.32 -23.13 4.59
C SER A 464 9.80 -23.04 4.96
N VAL A 465 10.44 -21.90 4.70
CA VAL A 465 11.81 -21.70 5.17
C VAL A 465 11.91 -20.46 6.05
N SER A 466 10.85 -19.68 6.15
CA SER A 466 10.93 -18.40 6.84
C SER A 466 11.27 -18.59 8.30
N ASP A 467 10.88 -19.73 8.85
CA ASP A 467 11.21 -20.08 10.22
C ASP A 467 12.72 -20.04 10.45
N GLN A 468 13.47 -20.57 9.49
CA GLN A 468 14.93 -20.59 9.57
C GLN A 468 15.54 -19.26 9.16
N VAL A 469 14.89 -18.54 8.24
CA VAL A 469 15.44 -17.29 7.72
C VAL A 469 15.17 -16.11 8.66
N LEU A 470 13.98 -16.09 9.23
CA LEU A 470 13.52 -14.97 10.05
C LEU A 470 13.47 -15.36 11.52
N GLU A 471 13.72 -14.41 12.40
CA GLU A 471 13.72 -14.66 13.84
CA GLU A 471 13.73 -14.69 13.84
C GLU A 471 12.32 -14.98 14.35
N VAL A 472 11.31 -14.68 13.54
CA VAL A 472 9.92 -14.91 13.92
C VAL A 472 9.25 -15.88 12.96
N ASP A 473 8.66 -16.94 13.50
CA ASP A 473 7.97 -17.93 12.69
C ASP A 473 6.51 -17.53 12.52
N ALA A 474 6.27 -16.51 11.70
CA ALA A 474 4.91 -16.09 11.39
C ALA A 474 4.77 -15.84 9.90
N ASP A 475 3.53 -15.72 9.46
CA ASP A 475 3.25 -15.32 8.11
C ASP A 475 3.56 -13.84 7.95
N PHE A 476 4.27 -13.50 6.88
CA PHE A 476 4.45 -12.10 6.47
C PHE A 476 4.06 -11.98 5.00
N PRO A 477 2.76 -12.06 4.71
CA PRO A 477 2.28 -12.21 3.34
C PRO A 477 2.32 -10.92 2.54
N TYR A 478 2.51 -9.76 3.19
CA TYR A 478 2.24 -8.49 2.51
C TYR A 478 3.39 -7.51 2.42
N MET A 479 4.56 -7.87 2.93
CA MET A 479 5.67 -6.91 2.99
C MET A 479 5.26 -5.62 3.65
N ILE A 480 4.48 -5.73 4.72
CA ILE A 480 3.99 -4.55 5.40
C ILE A 480 4.57 -4.46 6.82
N MET A 481 5.54 -5.33 7.09
CA MET A 481 6.09 -5.45 8.43
C MET A 481 7.55 -5.88 8.37
N THR A 482 8.43 -5.13 9.02
CA THR A 482 9.83 -5.52 9.04
C THR A 482 10.02 -6.52 10.17
N THR A 483 11.09 -7.30 10.08
CA THR A 483 11.47 -8.22 11.13
C THR A 483 12.96 -8.46 10.91
N LYS A 484 13.60 -9.26 11.75
CA LYS A 484 15.03 -9.51 11.55
C LYS A 484 15.29 -10.93 11.05
N VAL A 485 16.31 -11.09 10.20
CA VAL A 485 16.74 -12.42 9.78
C VAL A 485 17.60 -13.06 10.88
N ARG A 486 17.74 -14.38 10.83
CA ARG A 486 18.62 -15.08 11.76
C ARG A 486 20.06 -15.03 11.29
N ALA A 487 20.98 -15.25 12.22
CA ALA A 487 22.42 -15.11 11.98
C ALA A 487 22.88 -15.84 10.73
N ALA A 488 22.36 -17.05 10.51
CA ALA A 488 22.79 -17.84 9.39
C ALA A 488 22.44 -17.23 8.02
N TYR A 489 21.58 -16.20 8.03
CA TYR A 489 21.14 -15.58 6.78
C TYR A 489 21.44 -14.10 6.69
N ALA A 490 22.03 -13.56 7.76
CA ALA A 490 22.25 -12.12 7.85
C ALA A 490 23.38 -11.61 6.96
N GLU A 491 24.01 -12.49 6.20
CA GLU A 491 25.05 -12.06 5.26
C GLU A 491 24.89 -12.73 3.90
N ARG A 492 24.10 -13.80 3.86
CA ARG A 492 23.80 -14.50 2.60
C ARG A 492 22.95 -13.67 1.66
N LEU A 493 22.19 -12.72 2.19
CA LEU A 493 21.15 -12.04 1.41
C LEU A 493 21.35 -10.53 1.35
N PRO A 494 22.51 -10.09 0.84
CA PRO A 494 22.91 -8.68 0.92
C PRO A 494 21.96 -7.71 0.22
N SER A 495 21.27 -8.12 -0.85
CA SER A 495 20.45 -7.15 -1.59
C SER A 495 19.12 -6.85 -0.89
N VAL A 496 18.73 -7.71 0.04
CA VAL A 496 17.41 -7.59 0.66
C VAL A 496 17.42 -7.50 2.19
N VAL A 497 18.61 -7.59 2.79
CA VAL A 497 18.75 -7.52 4.26
C VAL A 497 19.66 -6.36 4.62
N HIS A 498 19.17 -5.46 5.48
CA HIS A 498 19.96 -4.30 5.90
C HIS A 498 21.14 -4.68 6.78
N GLU A 499 22.01 -3.69 7.06
CA GLU A 499 23.17 -3.94 7.90
C GLU A 499 22.75 -4.48 9.26
N ASP A 500 21.69 -3.90 9.83
CA ASP A 500 21.21 -4.29 11.15
C ASP A 500 20.38 -5.56 11.13
N TRP A 501 20.45 -6.32 10.02
CA TRP A 501 19.72 -7.60 9.91
C TRP A 501 18.22 -7.47 9.71
N SER A 502 17.69 -6.24 9.63
CA SER A 502 16.27 -6.08 9.39
C SER A 502 15.93 -6.37 7.93
N THR A 503 14.70 -6.78 7.69
CA THR A 503 14.20 -7.01 6.34
C THR A 503 12.68 -6.88 6.33
N ARG A 504 12.10 -6.68 5.16
CA ARG A 504 10.67 -6.46 5.04
C ARG A 504 10.11 -7.48 4.07
N PRO A 505 9.87 -8.70 4.56
CA PRO A 505 9.70 -9.87 3.71
C PRO A 505 8.27 -10.13 3.28
N GLN A 506 8.17 -10.91 2.20
CA GLN A 506 6.96 -11.60 1.86
C GLN A 506 7.22 -13.08 2.03
N THR A 507 6.38 -13.75 2.81
CA THR A 507 6.44 -15.21 2.85
C THR A 507 5.39 -15.74 1.91
N VAL A 508 5.74 -16.81 1.19
CA VAL A 508 4.89 -17.33 0.14
C VAL A 508 4.50 -18.76 0.43
N THR A 509 3.20 -19.03 0.49
CA THR A 509 2.71 -20.40 0.61
C THR A 509 2.32 -20.90 -0.76
N GLU A 510 2.38 -22.21 -0.95
CA GLU A 510 2.04 -22.83 -2.22
C GLU A 510 0.60 -22.52 -2.62
N ALA A 511 -0.29 -22.46 -1.63
CA ALA A 511 -1.69 -22.16 -1.91
C ALA A 511 -1.86 -20.73 -2.43
N SER A 512 -1.19 -19.77 -1.79
CA SER A 512 -1.34 -18.37 -2.19
C SER A 512 -0.91 -18.11 -3.64
N ASN A 513 0.10 -18.84 -4.11
CA ASN A 513 0.69 -18.54 -5.40
C ASN A 513 1.58 -19.68 -5.86
N PRO A 514 0.98 -20.74 -6.43
CA PRO A 514 1.65 -21.95 -6.88
C PRO A 514 2.84 -21.70 -7.81
N ARG A 515 2.68 -20.84 -8.81
CA ARG A 515 3.73 -20.57 -9.77
C ARG A 515 4.93 -19.86 -9.13
N TYR A 516 4.66 -18.80 -8.38
CA TYR A 516 5.69 -18.09 -7.68
C TYR A 516 6.36 -19.04 -6.69
N HIS A 517 5.54 -19.82 -6.00
CA HIS A 517 6.06 -20.78 -5.03
C HIS A 517 6.97 -21.79 -5.72
N ARG A 518 6.50 -22.32 -6.85
CA ARG A 518 7.32 -23.25 -7.62
C ARG A 518 8.61 -22.58 -8.07
N MET A 519 8.53 -21.33 -8.53
CA MET A 519 9.73 -20.62 -8.97
C MET A 519 10.73 -20.47 -7.83
N LEU A 520 10.24 -20.03 -6.67
CA LEU A 520 11.11 -19.88 -5.51
C LEU A 520 11.76 -21.22 -5.17
N THR A 521 10.99 -22.30 -5.23
CA THR A 521 11.52 -23.63 -4.98
C THR A 521 12.69 -23.96 -5.92
N GLU A 522 12.49 -23.72 -7.21
CA GLU A 522 13.53 -23.99 -8.20
C GLU A 522 14.75 -23.14 -7.88
N LEU A 523 14.52 -21.89 -7.49
CA LEU A 523 15.63 -21.01 -7.19
C LEU A 523 16.42 -21.55 -6.00
N GLY A 524 15.71 -22.15 -5.04
CA GLY A 524 16.36 -22.68 -3.86
C GLY A 524 17.37 -23.76 -4.17
N ASP A 525 17.05 -24.61 -5.14
CA ASP A 525 17.96 -25.67 -5.57
C ASP A 525 19.18 -25.10 -6.26
N LEU A 526 19.12 -23.84 -6.65
CA LEU A 526 20.22 -23.21 -7.36
C LEU A 526 21.12 -22.39 -6.45
N VAL A 527 20.54 -21.67 -5.50
CA VAL A 527 21.34 -20.75 -4.70
C VAL A 527 21.27 -21.06 -3.21
N GLY A 528 20.72 -22.23 -2.87
CA GLY A 528 20.63 -22.66 -1.49
C GLY A 528 19.36 -22.21 -0.79
N ASP A 529 18.91 -21.00 -1.11
CA ASP A 529 17.77 -20.41 -0.42
C ASP A 529 16.65 -20.03 -1.37
N PRO A 530 15.43 -20.52 -1.07
CA PRO A 530 14.28 -20.19 -1.93
C PRO A 530 13.83 -18.77 -1.57
N VAL A 531 14.68 -17.80 -1.92
CA VAL A 531 14.52 -16.41 -1.54
C VAL A 531 14.97 -15.58 -2.72
N CYS A 532 14.18 -14.57 -3.08
CA CYS A 532 14.63 -13.65 -4.12
C CYS A 532 14.27 -12.23 -3.75
N LEU A 533 14.92 -11.28 -4.41
CA LEU A 533 14.55 -9.88 -4.33
C LEU A 533 13.28 -9.69 -5.16
N ASN A 534 12.31 -9.00 -4.60
CA ASN A 534 11.04 -8.77 -5.28
C ASN A 534 10.64 -7.32 -5.09
N THR A 535 10.75 -6.53 -6.17
CA THR A 535 10.41 -5.13 -6.08
C THR A 535 9.25 -4.82 -7.05
N SER A 536 8.63 -3.65 -6.90
CA SER A 536 7.47 -3.34 -7.73
C SER A 536 7.84 -3.30 -9.21
N PHE A 537 6.94 -3.86 -10.03
CA PHE A 537 7.11 -3.88 -11.48
C PHE A 537 6.58 -2.56 -12.05
N ASN A 538 7.46 -1.58 -12.14
CA ASN A 538 7.16 -0.25 -12.65
C ASN A 538 8.43 0.55 -12.44
N ASP A 539 8.43 1.82 -12.76
CA ASP A 539 9.40 2.68 -12.11
C ASP A 539 8.66 3.81 -11.39
N ARG A 540 9.38 4.89 -11.14
CA ARG A 540 8.88 6.00 -10.31
C ARG A 540 7.73 6.77 -10.95
N GLY A 541 7.57 6.66 -12.27
CA GLY A 541 6.60 7.47 -12.98
C GLY A 541 5.21 6.88 -13.23
N GLU A 542 4.99 5.62 -12.85
CA GLU A 542 3.72 4.97 -13.16
C GLU A 542 3.34 4.02 -12.04
N PRO A 543 2.04 3.68 -11.92
CA PRO A 543 1.62 2.68 -10.94
C PRO A 543 2.19 1.32 -11.34
N ILE A 544 2.12 0.33 -10.45
CA ILE A 544 2.54 -1.02 -10.80
C ILE A 544 1.79 -1.49 -12.03
N VAL A 545 2.48 -2.17 -12.94
CA VAL A 545 1.82 -2.58 -14.20
C VAL A 545 0.68 -3.53 -13.86
N SER A 546 -0.36 -3.53 -14.69
CA SER A 546 -1.56 -4.32 -14.45
C SER A 546 -1.79 -5.29 -15.60
N SER A 547 -1.90 -4.76 -16.82
CA SER A 547 -2.17 -5.55 -18.01
C SER A 547 -0.90 -6.05 -18.67
N PRO A 548 -1.04 -7.07 -19.54
CA PRO A 548 0.12 -7.55 -20.28
C PRO A 548 0.74 -6.43 -21.15
N ALA A 549 -0.09 -5.57 -21.74
CA ALA A 549 0.43 -4.42 -22.46
C ALA A 549 1.20 -3.46 -21.54
N ASP A 550 0.73 -3.27 -20.30
CA ASP A 550 1.48 -2.42 -19.34
C ASP A 550 2.87 -3.01 -19.10
N ALA A 551 2.91 -4.32 -18.90
CA ALA A 551 4.14 -5.01 -18.58
C ALA A 551 5.10 -4.94 -19.75
N LEU A 552 4.59 -5.16 -20.97
CA LEU A 552 5.45 -5.05 -22.14
C LEU A 552 6.01 -3.64 -22.31
N LEU A 553 5.18 -2.63 -22.08
CA LEU A 553 5.60 -1.24 -22.23
C LEU A 553 6.76 -0.90 -21.28
N THR A 554 6.57 -1.26 -20.02
CA THR A 554 7.58 -1.03 -19.00
C THR A 554 8.83 -1.88 -19.28
N PHE A 555 8.61 -3.13 -19.65
CA PHE A 555 9.70 -4.02 -20.01
C PHE A 555 10.55 -3.38 -21.10
N SER A 556 9.89 -2.78 -22.06
CA SER A 556 10.59 -2.25 -23.22
C SER A 556 11.37 -0.96 -22.95
N ARG A 557 10.96 -0.19 -21.95
CA ARG A 557 11.65 1.06 -21.67
C ARG A 557 12.68 0.96 -20.53
N LEU A 558 12.81 -0.22 -19.91
CA LEU A 558 13.76 -0.38 -18.80
C LEU A 558 14.73 -1.49 -19.14
N PRO A 559 16.00 -1.37 -18.70
CA PRO A 559 16.97 -2.39 -19.07
C PRO A 559 16.82 -3.66 -18.24
N ILE A 560 15.62 -4.24 -18.34
CA ILE A 560 15.26 -5.50 -17.70
C ILE A 560 15.66 -6.63 -18.64
N ASP A 561 16.12 -7.75 -18.12
CA ASP A 561 16.64 -8.81 -18.97
C ASP A 561 15.56 -9.68 -19.60
N ALA A 562 14.49 -9.94 -18.86
CA ALA A 562 13.47 -10.88 -19.31
C ALA A 562 12.12 -10.51 -18.75
N LEU A 563 11.07 -10.90 -19.46
CA LEU A 563 9.71 -10.73 -18.97
C LEU A 563 8.96 -12.05 -19.04
N ALA A 564 8.54 -12.53 -17.87
CA ALA A 564 7.72 -13.73 -17.80
C ALA A 564 6.30 -13.27 -17.61
N VAL A 565 5.52 -13.33 -18.67
CA VAL A 565 4.15 -12.84 -18.67
C VAL A 565 3.25 -13.98 -19.10
N GLY A 566 2.35 -14.39 -18.21
CA GLY A 566 1.66 -15.65 -18.38
C GLY A 566 2.68 -16.76 -18.63
N PRO A 567 2.36 -17.67 -19.55
CA PRO A 567 3.25 -18.79 -19.85
C PRO A 567 4.39 -18.40 -20.77
N TYR A 568 4.45 -17.13 -21.16
CA TYR A 568 5.45 -16.71 -22.14
C TYR A 568 6.66 -16.03 -21.53
N LEU A 569 7.79 -16.20 -22.20
CA LEU A 569 9.04 -15.61 -21.78
C LEU A 569 9.60 -14.75 -22.90
N VAL A 570 9.78 -13.46 -22.62
CA VAL A 570 10.37 -12.54 -23.58
C VAL A 570 11.73 -12.12 -23.03
N THR A 571 12.76 -12.08 -23.86
CA THR A 571 14.08 -11.68 -23.36
C THR A 571 14.51 -10.45 -24.13
N LYS A 572 15.51 -9.72 -23.64
CA LYS A 572 15.85 -8.46 -24.30
C LYS A 572 16.43 -8.68 -25.69
N ASP A 573 15.94 -7.92 -26.67
CA ASP A 573 16.40 -8.11 -28.04
C ASP A 573 17.84 -7.63 -28.16
N LEU A 574 18.76 -8.56 -27.92
CA LEU A 574 20.18 -8.27 -27.78
C LEU A 574 20.93 -8.45 -29.10
N ARG A 575 20.22 -8.89 -30.14
CA ARG A 575 20.77 -8.92 -31.49
C ARG A 575 20.97 -7.47 -31.96
N HIS A 576 21.95 -7.21 -32.82
CA HIS A 576 22.21 -5.82 -33.22
C HIS A 576 21.36 -5.34 -34.41
#